data_9I68
#
_entry.id   9I68
#
_cell.length_a   35.491
_cell.length_b   87.550
_cell.length_c   48.573
_cell.angle_alpha   90.00
_cell.angle_beta   109.71
_cell.angle_gamma   90.00
#
_symmetry.space_group_name_H-M   'P 1 21 1'
#
loop_
_entity.id
_entity.type
_entity.pdbx_description
1 polymer 'Cell division cycle protein 20 homolog'
2 polymer ARG-ALA-PRO-3EG-SER-ASP
3 water water
#
loop_
_entity_poly.entity_id
_entity_poly.type
_entity_poly.pdbx_seq_one_letter_code
_entity_poly.pdbx_strand_id
1 'polypeptide(L)'
;MAQFAFESDLHSLLQLDAPIPNAPPARWQRKAKEAAGPAPSPMRAANRSHSAGRTPGRTPGKSSSKVQTTPSKPGGDRYI
PHRSAAQMEVASFLLSKENQPENSQTPTKKEHQKAWALNLNGFDVEEAKILRLSGKPQNAPEGYQNRLKVLYSQKATPGS
SRKTCRYIPSLPDRILDAPEIRNDYYLNLVDWSSGNVLAVALDNSVYLWSASSGDILQLLQMEQPGEYISSVAWIKEGNY
LAVGTSSAEVQLWDVQQQKRLRNMTSHSARVGSLSWNSYILSSGSRSGHIHHHDVRVAEHHVATLSGHSQEVCGLRWAPD
GRHLASGGNDNLVNVWPSAPGEGGWVPLQTFTQHQGAVKAVAWCPWQSNVLATGGGTSDRHIRIWNVCSGACLSAVDAHS
QVCSILWSPHYKELISGHGFAQNQLVIWKYPTMAKVAELKGHTSRVLSLTMSPDGATVASAAADETLRLWRCFELDPARR
REREKASAAKSSLIHQGIR
;
A
2 'polypeptide(L)' RAP(3EG)SDITN B
#
# COMPACT_ATOMS: atom_id res chain seq x y z
N ARG A 166 -6.26 -25.09 10.05
CA ARG A 166 -6.83 -24.10 10.96
C ARG A 166 -8.13 -23.49 10.41
N TYR A 167 -8.99 -22.95 11.29
CA TYR A 167 -10.26 -22.35 10.84
C TYR A 167 -10.14 -20.87 10.44
N ILE A 168 -10.58 -20.56 9.21
CA ILE A 168 -10.60 -19.21 8.68
C ILE A 168 -12.05 -18.89 8.30
N PRO A 169 -12.61 -17.77 8.79
CA PRO A 169 -14.01 -17.45 8.48
C PRO A 169 -14.26 -17.13 7.00
N SER A 170 -15.34 -17.67 6.43
CA SER A 170 -15.66 -17.40 5.02
C SER A 170 -16.35 -16.04 4.81
N LEU A 171 -16.87 -15.43 5.88
CA LEU A 171 -17.49 -14.13 5.80
C LEU A 171 -16.60 -13.07 6.43
N PRO A 172 -16.63 -11.83 5.92
CA PRO A 172 -15.87 -10.76 6.60
C PRO A 172 -16.54 -10.40 7.93
N ASP A 173 -15.77 -9.83 8.83
CA ASP A 173 -16.22 -9.33 10.13
C ASP A 173 -17.05 -8.06 9.92
N ARG A 174 -16.71 -7.21 8.93
CA ARG A 174 -17.42 -5.95 8.65
C ARG A 174 -17.45 -5.69 7.16
N ILE A 175 -18.46 -4.94 6.69
CA ILE A 175 -18.50 -4.51 5.30
C ILE A 175 -18.84 -3.03 5.37
N LEU A 176 -17.90 -2.17 4.98
CA LEU A 176 -18.08 -0.73 5.01
C LEU A 176 -18.37 -0.21 3.62
N ASP A 177 -19.26 0.78 3.51
CA ASP A 177 -19.57 1.33 2.19
C ASP A 177 -18.39 2.21 1.74
N ALA A 178 -17.98 2.09 0.51
CA ALA A 178 -16.90 2.91 -0.06
C ALA A 178 -17.45 3.59 -1.33
N PRO A 179 -18.48 4.44 -1.20
CA PRO A 179 -19.07 5.06 -2.40
C PRO A 179 -18.07 5.96 -3.10
N GLU A 180 -18.07 5.94 -4.43
CA GLU A 180 -17.21 6.76 -5.29
C GLU A 180 -15.71 6.44 -5.16
N ILE A 181 -15.36 5.20 -4.73
CA ILE A 181 -13.96 4.80 -4.69
C ILE A 181 -13.42 4.78 -6.14
N ARG A 182 -12.24 5.38 -6.36
CA ARG A 182 -11.70 5.48 -7.72
C ARG A 182 -11.16 4.13 -8.17
N ASN A 183 -11.74 3.58 -9.22
CA ASN A 183 -11.35 2.27 -9.73
C ASN A 183 -10.13 2.44 -10.64
N ASP A 184 -9.01 2.83 -10.05
CA ASP A 184 -7.76 3.06 -10.75
C ASP A 184 -6.77 2.15 -10.06
N TYR A 185 -6.26 1.14 -10.80
CA TYR A 185 -5.37 0.13 -10.26
C TYR A 185 -4.11 0.71 -9.60
N TYR A 186 -3.58 1.81 -10.11
CA TYR A 186 -2.29 2.33 -9.65
C TYR A 186 -2.32 3.13 -8.34
N LEU A 187 -3.52 3.46 -7.87
CA LEU A 187 -3.64 4.25 -6.64
C LEU A 187 -3.58 3.43 -5.36
N ASN A 188 -3.21 4.06 -4.23
CA ASN A 188 -3.10 3.31 -2.96
C ASN A 188 -3.99 4.07 -1.95
N LEU A 189 -5.26 3.74 -1.97
CA LEU A 189 -6.31 4.53 -1.31
C LEU A 189 -6.71 4.16 0.11
N VAL A 190 -6.11 3.12 0.72
N VAL A 190 -6.10 3.14 0.72
CA VAL A 190 -6.48 2.75 2.09
CA VAL A 190 -6.49 2.74 2.07
C VAL A 190 -5.24 2.47 2.93
C VAL A 190 -5.29 2.37 2.94
N ASP A 191 -5.34 2.76 4.24
CA ASP A 191 -4.25 2.43 5.15
C ASP A 191 -4.78 2.39 6.57
N TRP A 192 -4.35 1.39 7.35
CA TRP A 192 -4.82 1.18 8.72
C TRP A 192 -3.70 1.64 9.66
N SER A 193 -4.00 2.60 10.53
CA SER A 193 -3.00 3.17 11.40
C SER A 193 -2.66 2.31 12.58
N SER A 194 -1.50 2.59 13.20
CA SER A 194 -1.13 1.92 14.44
C SER A 194 -2.10 2.22 15.59
N GLY A 195 -2.89 3.31 15.47
CA GLY A 195 -3.92 3.72 16.42
C GLY A 195 -5.27 3.10 16.13
N ASN A 196 -5.32 2.15 15.18
CA ASN A 196 -6.54 1.40 14.83
C ASN A 196 -7.57 2.26 14.10
N VAL A 197 -7.09 3.17 13.25
CA VAL A 197 -7.98 4.02 12.47
C VAL A 197 -7.71 3.74 10.98
N LEU A 198 -8.76 3.45 10.20
CA LEU A 198 -8.63 3.22 8.76
C LEU A 198 -8.81 4.55 8.07
N ALA A 199 -7.93 4.87 7.14
CA ALA A 199 -8.02 6.08 6.33
C ALA A 199 -8.44 5.58 4.96
N VAL A 200 -9.52 6.14 4.44
CA VAL A 200 -10.08 5.69 3.17
C VAL A 200 -10.27 6.87 2.24
N ALA A 201 -9.62 6.86 1.07
CA ALA A 201 -9.79 7.93 0.10
C ALA A 201 -10.95 7.60 -0.84
N LEU A 202 -12.00 8.41 -0.81
CA LEU A 202 -13.15 8.22 -1.68
C LEU A 202 -13.28 9.44 -2.59
N ASP A 203 -12.80 9.30 -3.83
CA ASP A 203 -12.81 10.35 -4.84
C ASP A 203 -11.97 11.55 -4.34
N ASN A 204 -12.59 12.70 -3.95
CA ASN A 204 -11.82 13.86 -3.51
C ASN A 204 -11.80 14.03 -2.00
N SER A 205 -12.25 13.05 -1.23
CA SER A 205 -12.29 13.16 0.23
C SER A 205 -11.53 12.03 0.90
N VAL A 206 -11.09 12.26 2.13
CA VAL A 206 -10.47 11.20 2.93
C VAL A 206 -11.37 11.04 4.13
N TYR A 207 -11.80 9.80 4.42
CA TYR A 207 -12.62 9.50 5.58
C TYR A 207 -11.79 8.67 6.55
N LEU A 208 -12.00 8.89 7.83
CA LEU A 208 -11.34 8.10 8.86
C LEU A 208 -12.40 7.30 9.57
N TRP A 209 -12.16 6.01 9.75
CA TRP A 209 -13.07 5.13 10.47
C TRP A 209 -12.29 4.53 11.65
N SER A 210 -12.77 4.80 12.87
CA SER A 210 -12.12 4.30 14.08
C SER A 210 -12.65 2.90 14.30
N ALA A 211 -11.81 1.89 14.18
CA ALA A 211 -12.27 0.50 14.29
C ALA A 211 -12.92 0.14 15.60
N SER A 212 -12.43 0.70 16.73
CA SER A 212 -13.01 0.34 18.03
C SER A 212 -14.36 0.99 18.31
N SER A 213 -14.60 2.22 17.78
CA SER A 213 -15.88 2.87 18.07
C SER A 213 -16.87 2.91 16.92
N GLY A 214 -16.38 2.80 15.70
CA GLY A 214 -17.22 2.98 14.52
C GLY A 214 -17.40 4.44 14.12
N ASP A 215 -16.75 5.38 14.84
N ASP A 215 -16.68 5.37 14.80
CA ASP A 215 -16.88 6.81 14.51
CA ASP A 215 -16.71 6.81 14.52
C ASP A 215 -16.23 7.09 13.15
C ASP A 215 -16.19 7.08 13.11
N ILE A 216 -16.89 7.93 12.34
CA ILE A 216 -16.46 8.28 10.99
C ILE A 216 -16.28 9.77 10.92
N LEU A 217 -15.16 10.23 10.39
CA LEU A 217 -14.87 11.64 10.24
C LEU A 217 -14.46 11.89 8.79
N GLN A 218 -15.01 12.93 8.15
CA GLN A 218 -14.53 13.34 6.83
C GLN A 218 -13.34 14.28 7.14
N LEU A 219 -12.12 13.75 7.07
CA LEU A 219 -10.93 14.52 7.44
C LEU A 219 -10.72 15.71 6.54
N LEU A 220 -10.88 15.50 5.24
CA LEU A 220 -10.60 16.55 4.28
C LEU A 220 -11.31 16.32 2.98
N GLN A 221 -11.37 17.38 2.19
CA GLN A 221 -11.90 17.32 0.86
C GLN A 221 -11.03 18.21 0.00
N MET A 222 -10.69 17.75 -1.21
CA MET A 222 -9.94 18.54 -2.17
C MET A 222 -10.71 19.81 -2.53
N GLU A 223 -10.01 20.93 -2.71
CA GLU A 223 -10.68 22.20 -2.96
C GLU A 223 -10.84 22.56 -4.42
N GLN A 224 -10.07 21.96 -5.33
CA GLN A 224 -10.18 22.34 -6.75
C GLN A 224 -10.98 21.35 -7.58
N PRO A 225 -11.74 21.85 -8.58
CA PRO A 225 -12.46 20.94 -9.50
C PRO A 225 -11.49 19.96 -10.17
N GLY A 226 -11.94 18.73 -10.35
CA GLY A 226 -11.14 17.70 -10.98
C GLY A 226 -10.17 16.97 -10.07
N GLU A 227 -9.79 17.59 -8.94
CA GLU A 227 -8.81 17.02 -8.02
C GLU A 227 -9.31 15.77 -7.30
N TYR A 228 -8.46 14.76 -7.17
CA TYR A 228 -8.81 13.57 -6.43
C TYR A 228 -7.61 13.12 -5.57
N ILE A 229 -7.88 12.28 -4.58
CA ILE A 229 -6.83 11.73 -3.74
C ILE A 229 -6.25 10.52 -4.45
N SER A 230 -4.91 10.44 -4.52
CA SER A 230 -4.23 9.33 -5.19
C SER A 230 -3.47 8.39 -4.26
N SER A 231 -3.25 8.81 -3.00
CA SER A 231 -2.62 7.92 -2.03
C SER A 231 -2.80 8.37 -0.61
N VAL A 232 -2.74 7.44 0.35
CA VAL A 232 -2.78 7.78 1.77
C VAL A 232 -1.80 6.84 2.49
N ALA A 233 -1.11 7.37 3.48
CA ALA A 233 -0.24 6.55 4.32
C ALA A 233 -0.07 7.17 5.70
N TRP A 234 -0.27 6.36 6.75
CA TRP A 234 -0.11 6.85 8.10
C TRP A 234 1.35 6.83 8.52
N ILE A 235 1.76 7.82 9.32
CA ILE A 235 3.09 7.77 9.93
C ILE A 235 3.08 6.63 10.99
N LYS A 236 4.26 6.11 11.36
CA LYS A 236 4.36 5.00 12.32
C LYS A 236 3.57 5.17 13.61
N GLU A 237 3.63 6.34 14.24
CA GLU A 237 2.87 6.61 15.48
C GLU A 237 1.35 6.79 15.29
N GLY A 238 0.90 6.89 14.05
CA GLY A 238 -0.50 7.03 13.72
C GLY A 238 -1.15 8.38 13.98
N ASN A 239 -0.36 9.43 14.27
CA ASN A 239 -0.96 10.78 14.51
C ASN A 239 -0.97 11.73 13.29
N TYR A 240 -0.21 11.37 12.26
CA TYR A 240 -0.14 12.18 11.04
C TYR A 240 -0.46 11.29 9.85
N LEU A 241 -1.22 11.82 8.90
CA LEU A 241 -1.57 11.08 7.69
C LEU A 241 -0.98 11.81 6.50
N ALA A 242 -0.25 11.10 5.64
CA ALA A 242 0.25 11.70 4.40
C ALA A 242 -0.83 11.44 3.34
N VAL A 243 -1.10 12.44 2.49
CA VAL A 243 -2.13 12.34 1.47
C VAL A 243 -1.54 12.81 0.13
N GLY A 244 -1.41 11.92 -0.84
CA GLY A 244 -0.93 12.29 -2.15
C GLY A 244 -2.11 12.65 -3.02
N THR A 245 -1.93 13.65 -3.90
CA THR A 245 -3.04 14.12 -4.70
C THR A 245 -2.76 14.07 -6.20
N SER A 246 -3.85 14.15 -6.99
CA SER A 246 -3.80 14.22 -8.44
C SER A 246 -3.08 15.50 -8.92
N SER A 247 -3.09 16.57 -8.10
N SER A 247 -3.08 16.57 -8.11
CA SER A 247 -2.39 17.82 -8.42
CA SER A 247 -2.37 17.81 -8.45
C SER A 247 -0.92 17.79 -7.99
C SER A 247 -0.89 17.78 -8.06
N ALA A 248 -0.32 16.58 -7.84
CA ALA A 248 1.09 16.36 -7.48
C ALA A 248 1.50 16.89 -6.10
N GLU A 249 0.55 16.97 -5.16
CA GLU A 249 0.86 17.42 -3.82
C GLU A 249 1.02 16.24 -2.88
N VAL A 250 1.85 16.41 -1.86
CA VAL A 250 1.95 15.44 -0.77
C VAL A 250 1.61 16.25 0.48
N GLN A 251 0.40 16.09 0.97
CA GLN A 251 -0.11 16.85 2.12
C GLN A 251 0.16 16.09 3.41
N LEU A 252 0.43 16.80 4.50
CA LEU A 252 0.67 16.17 5.78
C LEU A 252 -0.43 16.68 6.68
N TRP A 253 -1.29 15.78 7.17
CA TRP A 253 -2.42 16.14 8.00
C TRP A 253 -2.24 15.68 9.44
N ASP A 254 -2.56 16.54 10.39
CA ASP A 254 -2.52 16.17 11.81
C ASP A 254 -3.95 15.73 12.10
N VAL A 255 -4.17 14.44 12.36
CA VAL A 255 -5.53 13.95 12.56
C VAL A 255 -6.07 14.30 13.94
N GLN A 256 -5.22 14.58 14.95
CA GLN A 256 -5.74 15.00 16.27
C GLN A 256 -6.31 16.42 16.15
N GLN A 257 -5.60 17.30 15.45
CA GLN A 257 -6.05 18.67 15.25
C GLN A 257 -7.00 18.82 14.04
N GLN A 258 -7.11 17.80 13.18
N GLN A 258 -7.14 17.79 13.18
CA GLN A 258 -7.90 17.84 11.95
CA GLN A 258 -7.92 17.84 11.93
C GLN A 258 -7.50 19.06 11.10
C GLN A 258 -7.50 19.04 11.08
N LYS A 259 -6.18 19.17 10.86
CA LYS A 259 -5.65 20.32 10.13
C LYS A 259 -4.47 19.94 9.28
N ARG A 260 -4.33 20.63 8.16
CA ARG A 260 -3.23 20.38 7.26
C ARG A 260 -2.01 21.12 7.78
N LEU A 261 -0.93 20.40 8.02
CA LEU A 261 0.31 21.01 8.49
C LEU A 261 1.16 21.45 7.29
N ARG A 262 1.18 20.64 6.22
CA ARG A 262 2.02 20.94 5.06
C ARG A 262 1.37 20.59 3.76
N ASN A 263 1.75 21.31 2.70
CA ASN A 263 1.31 21.00 1.37
C ASN A 263 2.56 21.03 0.54
N MET A 264 3.24 19.89 0.49
CA MET A 264 4.53 19.71 -0.13
C MET A 264 4.46 19.45 -1.61
N THR A 265 5.07 20.34 -2.37
CA THR A 265 5.12 20.21 -3.81
C THR A 265 6.57 19.94 -4.20
N SER A 266 6.74 19.08 -5.17
CA SER A 266 8.03 18.69 -5.72
C SER A 266 7.82 17.84 -6.97
N HIS A 267 6.75 17.03 -6.98
CA HIS A 267 6.43 16.15 -8.09
C HIS A 267 5.84 16.87 -9.30
N SER A 268 6.00 16.28 -10.49
CA SER A 268 5.46 16.83 -11.73
C SER A 268 4.13 16.16 -12.15
N ALA A 269 3.64 15.19 -11.39
CA ALA A 269 2.43 14.44 -11.73
C ALA A 269 1.84 13.77 -10.44
N ARG A 270 0.67 13.14 -10.54
CA ARG A 270 0.01 12.57 -9.36
C ARG A 270 0.89 11.64 -8.54
N VAL A 271 0.65 11.69 -7.24
CA VAL A 271 1.41 10.89 -6.30
C VAL A 271 0.55 9.70 -5.88
N GLY A 272 0.75 8.56 -6.53
CA GLY A 272 -0.08 7.39 -6.30
C GLY A 272 0.45 6.44 -5.25
N SER A 273 1.67 6.66 -4.75
CA SER A 273 2.24 5.76 -3.73
C SER A 273 3.03 6.51 -2.68
N LEU A 274 3.00 5.99 -1.45
CA LEU A 274 3.64 6.64 -0.30
C LEU A 274 4.16 5.59 0.65
N SER A 275 5.26 5.88 1.32
CA SER A 275 5.76 4.99 2.37
C SER A 275 6.63 5.75 3.33
N TRP A 276 6.41 5.56 4.63
CA TRP A 276 7.20 6.24 5.64
C TRP A 276 8.35 5.38 6.15
N ASN A 277 9.44 6.07 6.55
CA ASN A 277 10.59 5.49 7.24
C ASN A 277 10.88 6.51 8.35
N SER A 278 10.30 6.34 9.57
CA SER A 278 10.42 7.32 10.66
C SER A 278 9.86 8.70 10.13
N TYR A 279 10.63 9.81 10.18
N TYR A 279 10.63 9.81 10.17
CA TYR A 279 10.18 11.12 9.71
CA TYR A 279 10.14 11.10 9.69
C TYR A 279 10.39 11.36 8.21
C TYR A 279 10.38 11.35 8.20
N ILE A 280 10.97 10.39 7.48
CA ILE A 280 11.15 10.53 6.05
C ILE A 280 9.89 9.91 5.42
N LEU A 281 9.23 10.65 4.53
CA LEU A 281 8.09 10.13 3.82
C LEU A 281 8.56 10.01 2.38
N SER A 282 8.46 8.82 1.77
CA SER A 282 8.81 8.65 0.38
C SER A 282 7.54 8.67 -0.44
N SER A 283 7.60 9.32 -1.60
CA SER A 283 6.46 9.44 -2.49
C SER A 283 6.81 9.04 -3.90
N GLY A 284 5.93 8.30 -4.54
CA GLY A 284 6.12 7.85 -5.91
C GLY A 284 5.09 8.50 -6.79
N SER A 285 5.50 8.86 -7.99
CA SER A 285 4.66 9.60 -8.90
C SER A 285 4.45 8.92 -10.24
N ARG A 286 3.38 9.35 -10.95
CA ARG A 286 3.08 8.89 -12.29
C ARG A 286 4.27 9.18 -13.24
N SER A 287 5.11 10.19 -12.91
CA SER A 287 6.29 10.56 -13.70
C SER A 287 7.40 9.49 -13.63
N GLY A 288 7.34 8.59 -12.66
CA GLY A 288 8.35 7.54 -12.45
C GLY A 288 9.38 7.89 -11.39
N HIS A 289 9.34 9.14 -10.88
CA HIS A 289 10.30 9.54 -9.87
C HIS A 289 9.78 9.23 -8.47
N ILE A 290 10.72 9.03 -7.54
CA ILE A 290 10.46 8.86 -6.13
C ILE A 290 11.15 10.00 -5.42
N HIS A 291 10.46 10.68 -4.50
CA HIS A 291 11.09 11.74 -3.74
C HIS A 291 11.06 11.35 -2.28
N HIS A 292 12.14 11.69 -1.55
CA HIS A 292 12.18 11.54 -0.12
C HIS A 292 11.88 12.93 0.45
N HIS A 293 10.93 13.00 1.38
CA HIS A 293 10.58 14.24 2.06
C HIS A 293 10.92 14.18 3.55
N ASP A 294 11.74 15.12 4.07
CA ASP A 294 11.98 15.17 5.50
C ASP A 294 10.84 16.08 5.94
N VAL A 295 9.75 15.50 6.48
CA VAL A 295 8.55 16.31 6.82
C VAL A 295 8.77 17.31 7.97
N ARG A 296 9.91 17.22 8.68
CA ARG A 296 10.19 18.15 9.78
C ARG A 296 10.79 19.48 9.34
N VAL A 297 11.29 19.58 8.10
CA VAL A 297 12.02 20.79 7.68
C VAL A 297 11.40 21.55 6.50
N ALA A 298 11.74 22.85 6.40
CA ALA A 298 11.26 23.78 5.37
C ALA A 298 11.49 23.26 3.92
N GLU A 299 12.72 22.90 3.52
CA GLU A 299 12.97 22.36 2.19
C GLU A 299 12.85 20.86 2.38
N HIS A 300 11.63 20.38 2.35
CA HIS A 300 11.29 18.98 2.60
C HIS A 300 11.95 18.02 1.60
N HIS A 301 12.10 18.43 0.35
CA HIS A 301 12.62 17.56 -0.70
C HIS A 301 14.13 17.34 -0.59
N VAL A 302 14.54 16.20 -0.01
CA VAL A 302 15.95 15.92 0.26
C VAL A 302 16.59 14.88 -0.65
N ALA A 303 15.81 14.19 -1.48
CA ALA A 303 16.37 13.19 -2.39
C ALA A 303 15.42 12.89 -3.53
N THR A 304 15.98 12.50 -4.68
CA THR A 304 15.19 12.08 -5.83
C THR A 304 15.80 10.76 -6.30
N LEU A 305 14.98 9.71 -6.34
CA LEU A 305 15.37 8.36 -6.76
C LEU A 305 14.71 8.13 -8.11
N SER A 306 15.51 8.00 -9.18
CA SER A 306 14.96 7.87 -10.52
C SER A 306 15.34 6.55 -11.15
N GLY A 307 14.51 5.54 -10.94
CA GLY A 307 14.75 4.21 -11.50
C GLY A 307 13.55 3.65 -12.26
N HIS A 308 12.50 4.46 -12.50
CA HIS A 308 11.33 3.98 -13.24
C HIS A 308 10.99 4.90 -14.41
N SER A 309 10.51 4.34 -15.52
CA SER A 309 10.13 5.16 -16.69
C SER A 309 8.61 5.34 -16.81
N GLN A 310 7.83 4.69 -15.93
CA GLN A 310 6.37 4.74 -15.85
C GLN A 310 5.96 4.91 -14.36
N GLU A 311 4.67 5.02 -14.10
CA GLU A 311 4.13 5.28 -12.77
C GLU A 311 4.65 4.38 -11.65
N VAL A 312 5.06 4.99 -10.53
CA VAL A 312 5.49 4.20 -9.37
C VAL A 312 4.22 3.86 -8.58
N CYS A 313 3.73 2.62 -8.68
CA CYS A 313 2.48 2.21 -8.03
C CYS A 313 2.66 1.42 -6.73
N GLY A 314 3.87 0.91 -6.47
CA GLY A 314 4.10 0.19 -5.23
C GLY A 314 5.33 0.77 -4.57
N LEU A 315 5.25 1.12 -3.28
CA LEU A 315 6.40 1.76 -2.63
C LEU A 315 6.38 1.35 -1.19
N ARG A 316 7.48 0.72 -0.71
CA ARG A 316 7.46 0.21 0.66
C ARG A 316 8.83 0.13 1.29
N TRP A 317 9.01 0.85 2.39
CA TRP A 317 10.23 0.79 3.16
C TRP A 317 10.20 -0.54 3.94
N ALA A 318 11.37 -1.18 4.10
CA ALA A 318 11.45 -2.38 4.91
C ALA A 318 11.22 -2.01 6.39
N PRO A 319 10.66 -2.92 7.21
CA PRO A 319 10.44 -2.60 8.63
C PRO A 319 11.71 -2.19 9.38
N ASP A 320 12.88 -2.71 8.98
CA ASP A 320 14.15 -2.31 9.61
C ASP A 320 14.80 -1.03 9.03
N GLY A 321 14.16 -0.45 8.01
CA GLY A 321 14.63 0.76 7.35
C GLY A 321 15.91 0.62 6.52
N ARG A 322 16.37 -0.60 6.30
CA ARG A 322 17.61 -0.83 5.53
C ARG A 322 17.43 -0.79 4.01
N HIS A 323 16.21 -0.97 3.52
CA HIS A 323 15.95 -0.94 2.07
C HIS A 323 14.59 -0.32 1.79
N LEU A 324 14.40 0.22 0.58
CA LEU A 324 13.12 0.72 0.10
C LEU A 324 12.83 -0.02 -1.21
N ALA A 325 11.65 -0.66 -1.33
CA ALA A 325 11.30 -1.34 -2.58
C ALA A 325 10.29 -0.49 -3.34
N SER A 326 10.43 -0.47 -4.66
CA SER A 326 9.47 0.24 -5.51
C SER A 326 9.09 -0.61 -6.69
N GLY A 327 7.81 -0.59 -7.04
CA GLY A 327 7.29 -1.32 -8.17
C GLY A 327 6.61 -0.34 -9.12
N GLY A 328 6.74 -0.59 -10.41
CA GLY A 328 6.18 0.34 -11.38
C GLY A 328 5.37 -0.24 -12.51
N ASN A 329 4.69 0.65 -13.23
CA ASN A 329 3.94 0.28 -14.43
C ASN A 329 4.92 0.00 -15.62
N ASP A 330 6.23 0.06 -15.38
CA ASP A 330 7.26 -0.27 -16.35
C ASP A 330 7.75 -1.74 -16.12
N ASN A 331 6.99 -2.54 -15.31
CA ASN A 331 7.28 -3.93 -14.99
C ASN A 331 8.58 -4.11 -14.21
N LEU A 332 9.09 -3.07 -13.55
CA LEU A 332 10.32 -3.21 -12.80
C LEU A 332 10.04 -3.19 -11.30
N VAL A 333 10.91 -3.85 -10.56
CA VAL A 333 10.99 -3.73 -9.12
C VAL A 333 12.42 -3.23 -8.85
N ASN A 334 12.55 -2.14 -8.11
CA ASN A 334 13.87 -1.65 -7.71
C ASN A 334 13.97 -1.78 -6.18
N VAL A 335 15.15 -2.12 -5.68
CA VAL A 335 15.40 -2.14 -4.26
C VAL A 335 16.49 -1.11 -4.06
N TRP A 336 16.19 -0.07 -3.29
CA TRP A 336 17.07 1.05 -3.09
C TRP A 336 17.78 0.95 -1.75
N PRO A 337 18.96 1.55 -1.62
CA PRO A 337 19.61 1.62 -0.30
C PRO A 337 18.91 2.65 0.60
N SER A 338 19.23 2.63 1.89
CA SER A 338 18.62 3.59 2.83
C SER A 338 19.28 4.98 2.83
N ALA A 339 20.46 5.10 2.20
CA ALA A 339 21.23 6.34 2.10
C ALA A 339 22.09 6.29 0.83
N PRO A 340 22.44 7.44 0.21
CA PRO A 340 23.28 7.39 -1.00
C PRO A 340 24.75 7.07 -0.70
N GLY A 341 25.18 7.32 0.54
CA GLY A 341 26.55 7.09 0.98
C GLY A 341 27.53 7.94 0.22
N GLU A 342 28.66 7.36 -0.20
CA GLU A 342 29.64 8.09 -0.98
C GLU A 342 29.34 8.11 -2.50
N GLY A 343 28.44 7.23 -2.94
CA GLY A 343 27.99 7.18 -4.32
C GLY A 343 26.69 7.95 -4.47
N GLY A 344 25.90 7.57 -5.47
CA GLY A 344 24.62 8.24 -5.70
C GLY A 344 23.42 7.37 -5.41
N TRP A 345 22.23 7.87 -5.76
CA TRP A 345 20.98 7.13 -5.57
C TRP A 345 20.81 6.12 -6.69
N VAL A 346 21.40 4.94 -6.51
CA VAL A 346 21.31 3.88 -7.51
C VAL A 346 20.73 2.62 -6.84
N PRO A 347 19.86 1.89 -7.55
CA PRO A 347 19.30 0.68 -6.95
C PRO A 347 20.34 -0.37 -6.65
N LEU A 348 20.17 -1.04 -5.49
CA LEU A 348 20.97 -2.20 -5.09
C LEU A 348 20.55 -3.43 -5.94
N GLN A 349 19.26 -3.50 -6.31
CA GLN A 349 18.72 -4.57 -7.16
C GLN A 349 17.66 -3.99 -8.11
N THR A 350 17.60 -4.54 -9.34
CA THR A 350 16.56 -4.19 -10.31
C THR A 350 16.06 -5.50 -10.88
N PHE A 351 14.85 -5.89 -10.46
CA PHE A 351 14.24 -7.13 -10.87
C PHE A 351 13.32 -6.87 -12.06
N THR A 352 13.63 -7.51 -13.19
CA THR A 352 12.85 -7.32 -14.42
C THR A 352 11.93 -8.51 -14.75
N GLN A 353 11.84 -9.53 -13.86
CA GLN A 353 11.16 -10.78 -14.18
C GLN A 353 9.65 -10.69 -14.23
N HIS A 354 9.02 -9.69 -13.56
CA HIS A 354 7.57 -9.55 -13.70
C HIS A 354 7.25 -9.00 -15.10
N GLN A 355 6.26 -9.56 -15.75
CA GLN A 355 5.86 -9.12 -17.10
C GLN A 355 4.56 -8.34 -17.00
N GLY A 356 4.52 -7.44 -16.06
CA GLY A 356 3.37 -6.58 -15.83
C GLY A 356 3.64 -5.58 -14.72
N ALA A 357 2.70 -4.67 -14.50
CA ALA A 357 2.84 -3.65 -13.46
C ALA A 357 3.02 -4.28 -12.08
N VAL A 358 3.88 -3.71 -11.25
CA VAL A 358 4.13 -4.25 -9.93
C VAL A 358 3.56 -3.29 -8.86
N LYS A 359 2.30 -3.52 -8.46
CA LYS A 359 1.71 -2.71 -7.39
C LYS A 359 1.94 -3.39 -6.02
N ALA A 360 1.98 -4.72 -5.99
CA ALA A 360 2.10 -5.46 -4.74
C ALA A 360 3.54 -5.56 -4.32
N VAL A 361 3.85 -4.99 -3.15
CA VAL A 361 5.23 -4.94 -2.64
C VAL A 361 5.09 -5.06 -1.12
N ALA A 362 5.68 -6.07 -0.50
CA ALA A 362 5.57 -6.23 0.98
C ALA A 362 6.75 -6.98 1.52
N TRP A 363 7.36 -6.48 2.60
CA TRP A 363 8.53 -7.11 3.22
C TRP A 363 8.13 -8.13 4.25
N CYS A 364 8.94 -9.21 4.36
CA CYS A 364 8.67 -10.23 5.35
C CYS A 364 9.02 -9.63 6.73
N PRO A 365 8.07 -9.62 7.66
CA PRO A 365 8.33 -9.00 8.98
C PRO A 365 9.36 -9.71 9.85
N TRP A 366 9.65 -11.00 9.56
CA TRP A 366 10.59 -11.74 10.39
C TRP A 366 11.90 -12.12 9.67
N GLN A 367 12.14 -11.57 8.47
CA GLN A 367 13.39 -11.82 7.72
C GLN A 367 13.74 -10.54 7.00
N SER A 368 14.80 -9.87 7.44
CA SER A 368 15.20 -8.55 6.97
C SER A 368 15.21 -8.32 5.45
N ASN A 369 15.81 -9.26 4.73
CA ASN A 369 16.06 -9.15 3.30
C ASN A 369 15.03 -9.83 2.41
N VAL A 370 13.93 -10.35 2.95
CA VAL A 370 12.94 -11.08 2.13
C VAL A 370 11.81 -10.18 1.72
N LEU A 371 11.57 -10.12 0.40
CA LEU A 371 10.54 -9.27 -0.17
C LEU A 371 9.55 -10.07 -1.00
N ALA A 372 8.24 -9.75 -0.95
CA ALA A 372 7.26 -10.36 -1.84
C ALA A 372 6.77 -9.28 -2.80
N THR A 373 6.63 -9.62 -4.07
CA THR A 373 6.09 -8.70 -5.07
C THR A 373 5.03 -9.44 -5.91
N GLY A 374 4.12 -8.68 -6.52
CA GLY A 374 3.07 -9.28 -7.33
C GLY A 374 2.79 -8.46 -8.57
N GLY A 375 2.64 -9.12 -9.70
CA GLY A 375 2.41 -8.43 -10.96
C GLY A 375 0.96 -8.35 -11.38
N GLY A 376 0.71 -7.50 -12.36
CA GLY A 376 -0.62 -7.27 -12.88
C GLY A 376 -1.15 -8.37 -13.76
N THR A 377 -2.19 -8.07 -14.51
CA THR A 377 -2.92 -9.02 -15.36
C THR A 377 -2.06 -9.77 -16.34
N SER A 378 -1.06 -9.10 -16.94
CA SER A 378 -0.20 -9.77 -17.94
C SER A 378 0.86 -10.65 -17.29
N ASP A 379 1.02 -10.57 -15.95
CA ASP A 379 2.04 -11.30 -15.20
C ASP A 379 1.41 -12.38 -14.30
N ARG A 380 0.55 -11.97 -13.35
CA ARG A 380 -0.22 -12.85 -12.47
C ARG A 380 0.60 -13.59 -11.45
N HIS A 381 1.90 -13.28 -11.30
CA HIS A 381 2.71 -14.03 -10.36
C HIS A 381 3.08 -13.27 -9.08
N ILE A 382 3.20 -14.00 -7.99
CA ILE A 382 3.76 -13.57 -6.73
C ILE A 382 5.20 -14.12 -6.75
N ARG A 383 6.16 -13.25 -6.52
CA ARG A 383 7.57 -13.66 -6.47
C ARG A 383 8.13 -13.28 -5.12
N ILE A 384 8.97 -14.14 -4.56
CA ILE A 384 9.60 -13.88 -3.27
C ILE A 384 11.09 -13.74 -3.55
N TRP A 385 11.72 -12.72 -3.00
CA TRP A 385 13.13 -12.45 -3.27
C TRP A 385 13.96 -12.35 -2.03
N ASN A 386 15.27 -12.60 -2.18
CA ASN A 386 16.23 -12.25 -1.13
C ASN A 386 16.93 -11.04 -1.77
N VAL A 387 16.75 -9.83 -1.22
CA VAL A 387 17.31 -8.62 -1.84
C VAL A 387 18.83 -8.45 -1.67
N CYS A 388 19.48 -9.27 -0.83
N CYS A 388 19.44 -9.25 -0.83
CA CYS A 388 20.94 -9.21 -0.64
CA CYS A 388 20.88 -9.21 -0.64
C CYS A 388 21.67 -10.12 -1.64
C CYS A 388 21.53 -10.04 -1.76
N SER A 389 21.13 -11.30 -1.90
CA SER A 389 21.70 -12.21 -2.90
C SER A 389 21.10 -12.01 -4.30
N GLY A 390 19.91 -11.40 -4.38
CA GLY A 390 19.18 -11.24 -5.64
C GLY A 390 18.38 -12.49 -6.02
N ALA A 391 18.40 -13.53 -5.19
CA ALA A 391 17.71 -14.78 -5.50
C ALA A 391 16.23 -14.63 -5.56
N CYS A 392 15.61 -15.29 -6.54
CA CYS A 392 14.17 -15.39 -6.59
C CYS A 392 13.90 -16.72 -5.93
N LEU A 393 13.39 -16.65 -4.71
CA LEU A 393 13.15 -17.83 -3.89
C LEU A 393 11.91 -18.62 -4.32
N SER A 394 10.92 -17.94 -4.93
CA SER A 394 9.68 -18.59 -5.33
C SER A 394 8.95 -17.73 -6.37
N ALA A 395 8.26 -18.35 -7.32
CA ALA A 395 7.44 -17.63 -8.30
C ALA A 395 6.18 -18.47 -8.41
N VAL A 396 5.01 -17.94 -8.00
CA VAL A 396 3.79 -18.72 -8.04
C VAL A 396 2.75 -18.00 -8.90
N ASP A 397 2.05 -18.74 -9.76
CA ASP A 397 1.01 -18.14 -10.60
C ASP A 397 -0.26 -18.04 -9.79
N ALA A 398 -0.75 -16.83 -9.60
CA ALA A 398 -2.01 -16.59 -8.86
C ALA A 398 -3.24 -16.60 -9.78
N HIS A 399 -3.06 -16.74 -11.12
CA HIS A 399 -4.13 -16.78 -12.12
C HIS A 399 -4.96 -15.49 -12.22
N SER A 400 -4.42 -14.38 -11.73
CA SER A 400 -5.08 -13.10 -11.81
C SER A 400 -4.05 -12.02 -11.49
N GLN A 401 -4.40 -10.75 -11.74
CA GLN A 401 -3.54 -9.63 -11.28
C GLN A 401 -3.40 -9.72 -9.75
N VAL A 402 -2.26 -9.28 -9.23
CA VAL A 402 -2.00 -9.29 -7.80
C VAL A 402 -1.94 -7.81 -7.39
N CYS A 403 -2.99 -7.28 -6.77
CA CYS A 403 -3.02 -5.84 -6.42
C CYS A 403 -2.21 -5.55 -5.17
N SER A 404 -2.24 -6.46 -4.20
N SER A 404 -2.25 -6.46 -4.20
CA SER A 404 -1.55 -6.29 -2.94
CA SER A 404 -1.59 -6.24 -2.92
C SER A 404 -1.10 -7.61 -2.37
C SER A 404 -1.23 -7.55 -2.23
N ILE A 405 -0.13 -7.54 -1.47
CA ILE A 405 0.33 -8.66 -0.69
C ILE A 405 0.56 -8.14 0.72
N LEU A 406 0.18 -8.92 1.73
CA LEU A 406 0.50 -8.63 3.13
C LEU A 406 1.05 -9.91 3.74
N TRP A 407 1.91 -9.78 4.73
CA TRP A 407 2.39 -10.95 5.47
C TRP A 407 1.72 -10.97 6.85
N SER A 408 1.37 -12.17 7.38
CA SER A 408 0.91 -12.25 8.76
C SER A 408 2.17 -12.55 9.53
N PRO A 409 2.55 -11.71 10.48
CA PRO A 409 3.71 -12.03 11.31
C PRO A 409 3.44 -13.14 12.35
N HIS A 410 2.18 -13.33 12.72
N HIS A 410 2.18 -13.33 12.72
CA HIS A 410 1.81 -14.33 13.70
CA HIS A 410 1.81 -14.34 13.71
C HIS A 410 1.68 -15.73 13.11
C HIS A 410 1.67 -15.74 13.12
N TYR A 411 1.03 -15.87 11.94
CA TYR A 411 0.82 -17.18 11.32
C TYR A 411 1.84 -17.69 10.31
N LYS A 412 2.80 -16.86 9.87
CA LYS A 412 3.77 -17.32 8.85
C LYS A 412 3.00 -17.62 7.54
N GLU A 413 2.18 -16.68 7.16
CA GLU A 413 1.34 -16.78 5.96
C GLU A 413 1.40 -15.48 5.19
N LEU A 414 0.99 -15.50 3.93
CA LEU A 414 0.85 -14.28 3.13
C LEU A 414 -0.59 -14.23 2.66
N ILE A 415 -1.11 -13.03 2.39
CA ILE A 415 -2.43 -12.88 1.82
C ILE A 415 -2.30 -11.93 0.64
N SER A 416 -2.95 -12.28 -0.47
CA SER A 416 -2.89 -11.47 -1.68
C SER A 416 -4.29 -11.14 -2.16
N GLY A 417 -4.44 -10.00 -2.84
CA GLY A 417 -5.73 -9.60 -3.39
C GLY A 417 -5.71 -9.67 -4.90
N HIS A 418 -6.86 -9.99 -5.50
CA HIS A 418 -6.94 -10.29 -6.92
C HIS A 418 -8.12 -9.70 -7.64
N GLY A 419 -8.10 -9.82 -8.98
CA GLY A 419 -9.11 -9.30 -9.87
C GLY A 419 -9.79 -10.43 -10.60
N PHE A 420 -9.98 -10.25 -11.91
CA PHE A 420 -10.65 -11.23 -12.76
C PHE A 420 -9.97 -12.60 -12.65
N ALA A 421 -10.72 -13.70 -12.45
CA ALA A 421 -12.18 -13.73 -12.53
C ALA A 421 -12.92 -13.84 -11.19
N GLN A 422 -12.21 -14.21 -10.12
CA GLN A 422 -12.86 -14.46 -8.84
C GLN A 422 -12.91 -13.27 -7.88
N ASN A 423 -12.10 -12.21 -8.10
CA ASN A 423 -12.06 -11.01 -7.21
C ASN A 423 -11.88 -11.42 -5.76
N GLN A 424 -10.97 -12.35 -5.53
CA GLN A 424 -10.79 -12.92 -4.20
C GLN A 424 -9.50 -12.55 -3.51
N LEU A 425 -9.43 -12.87 -2.20
CA LEU A 425 -8.17 -12.80 -1.47
C LEU A 425 -7.69 -14.25 -1.35
N VAL A 426 -6.38 -14.48 -1.48
CA VAL A 426 -5.84 -15.83 -1.30
C VAL A 426 -4.87 -15.83 -0.12
N ILE A 427 -4.99 -16.81 0.80
CA ILE A 427 -4.06 -16.96 1.91
C ILE A 427 -3.11 -18.09 1.53
N TRP A 428 -1.81 -17.85 1.68
CA TRP A 428 -0.76 -18.80 1.32
C TRP A 428 0.07 -19.14 2.55
N LYS A 429 0.44 -20.40 2.72
CA LYS A 429 1.30 -20.79 3.84
C LYS A 429 2.73 -20.49 3.42
N TYR A 430 3.54 -19.90 4.30
CA TYR A 430 4.94 -19.63 4.00
C TYR A 430 5.84 -20.56 4.84
N PRO A 431 6.93 -21.17 4.30
CA PRO A 431 7.53 -20.95 2.97
C PRO A 431 7.11 -21.87 1.85
N THR A 432 6.18 -22.81 2.08
CA THR A 432 5.77 -23.75 1.04
C THR A 432 4.97 -23.14 -0.11
N MET A 433 4.39 -21.95 0.11
CA MET A 433 3.53 -21.25 -0.83
C MET A 433 2.29 -22.09 -1.20
N ALA A 434 1.83 -22.96 -0.28
CA ALA A 434 0.65 -23.78 -0.51
C ALA A 434 -0.58 -22.90 -0.29
N LYS A 435 -1.64 -23.10 -1.07
CA LYS A 435 -2.87 -22.31 -0.93
C LYS A 435 -3.64 -22.80 0.28
N VAL A 436 -3.84 -21.94 1.27
CA VAL A 436 -4.53 -22.27 2.51
C VAL A 436 -6.03 -22.05 2.41
N ALA A 437 -6.43 -20.91 1.84
CA ALA A 437 -7.83 -20.53 1.79
C ALA A 437 -8.06 -19.44 0.74
N GLU A 438 -9.32 -19.25 0.34
CA GLU A 438 -9.71 -18.18 -0.57
C GLU A 438 -10.88 -17.42 0.07
N LEU A 439 -10.78 -16.10 0.15
CA LEU A 439 -11.84 -15.28 0.70
C LEU A 439 -12.62 -14.63 -0.45
N LYS A 440 -13.84 -15.10 -0.69
CA LYS A 440 -14.68 -14.63 -1.78
C LYS A 440 -15.85 -13.80 -1.30
N GLY A 441 -16.32 -12.91 -2.16
CA GLY A 441 -17.40 -12.02 -1.80
C GLY A 441 -17.42 -10.75 -2.61
N HIS A 442 -16.25 -10.19 -2.92
CA HIS A 442 -16.18 -8.96 -3.73
C HIS A 442 -16.76 -9.26 -5.13
N THR A 443 -17.53 -8.31 -5.70
CA THR A 443 -18.16 -8.52 -7.01
C THR A 443 -17.43 -7.80 -8.17
N SER A 444 -16.36 -7.06 -7.86
CA SER A 444 -15.46 -6.39 -8.77
C SER A 444 -14.00 -6.49 -8.20
N ARG A 445 -12.98 -6.23 -9.03
CA ARG A 445 -11.59 -6.42 -8.63
C ARG A 445 -11.18 -5.76 -7.32
N VAL A 446 -10.35 -6.45 -6.55
CA VAL A 446 -9.80 -5.86 -5.34
C VAL A 446 -8.75 -4.84 -5.79
N LEU A 447 -8.72 -3.69 -5.12
CA LEU A 447 -7.83 -2.56 -5.39
C LEU A 447 -6.64 -2.54 -4.43
N SER A 448 -6.89 -2.68 -3.12
CA SER A 448 -5.81 -2.63 -2.13
C SER A 448 -6.17 -3.44 -0.90
N LEU A 449 -5.14 -3.87 -0.16
CA LEU A 449 -5.30 -4.52 1.13
C LEU A 449 -4.52 -3.74 2.15
N THR A 450 -5.01 -3.72 3.39
CA THR A 450 -4.28 -3.14 4.50
C THR A 450 -4.53 -3.97 5.75
N MET A 451 -3.57 -4.01 6.66
CA MET A 451 -3.71 -4.87 7.84
C MET A 451 -3.89 -4.07 9.12
N SER A 452 -4.74 -4.56 10.03
CA SER A 452 -4.98 -3.93 11.36
C SER A 452 -3.69 -3.95 12.19
N PRO A 453 -3.52 -3.04 13.16
CA PRO A 453 -2.24 -2.99 13.89
C PRO A 453 -1.95 -4.25 14.71
N ASP A 454 -3.00 -5.01 15.08
CA ASP A 454 -2.78 -6.23 15.83
C ASP A 454 -2.48 -7.46 14.94
N GLY A 455 -2.63 -7.32 13.62
CA GLY A 455 -2.37 -8.39 12.67
C GLY A 455 -3.53 -9.33 12.44
N ALA A 456 -4.67 -9.13 13.11
CA ALA A 456 -5.81 -10.08 13.02
C ALA A 456 -6.71 -9.89 11.80
N THR A 457 -6.87 -8.65 11.36
CA THR A 457 -7.82 -8.29 10.32
C THR A 457 -7.18 -7.66 9.11
N VAL A 458 -7.68 -8.01 7.93
CA VAL A 458 -7.22 -7.48 6.66
C VAL A 458 -8.39 -6.75 6.03
N ALA A 459 -8.23 -5.47 5.69
CA ALA A 459 -9.26 -4.74 5.00
C ALA A 459 -8.98 -4.80 3.50
N SER A 460 -9.97 -5.18 2.70
CA SER A 460 -9.80 -5.17 1.26
C SER A 460 -10.73 -4.11 0.68
N ALA A 461 -10.19 -3.22 -0.13
CA ALA A 461 -10.98 -2.17 -0.78
C ALA A 461 -11.13 -2.66 -2.23
N ALA A 462 -12.33 -2.60 -2.77
CA ALA A 462 -12.56 -3.13 -4.10
C ALA A 462 -13.40 -2.18 -4.97
N ALA A 463 -13.35 -2.39 -6.29
CA ALA A 463 -14.09 -1.61 -7.28
C ALA A 463 -15.62 -1.77 -7.16
N ASP A 464 -16.10 -2.71 -6.30
CA ASP A 464 -17.53 -2.85 -6.01
C ASP A 464 -18.00 -1.83 -4.96
N GLU A 465 -17.15 -0.82 -4.61
CA GLU A 465 -17.48 0.22 -3.66
C GLU A 465 -17.71 -0.30 -2.25
N THR A 466 -16.99 -1.33 -1.85
CA THR A 466 -17.06 -1.83 -0.48
C THR A 466 -15.63 -1.98 0.07
N LEU A 467 -15.51 -1.96 1.39
CA LEU A 467 -14.29 -2.28 2.10
C LEU A 467 -14.69 -3.47 2.94
N ARG A 468 -14.16 -4.66 2.67
CA ARG A 468 -14.49 -5.84 3.46
C ARG A 468 -13.40 -6.07 4.48
N LEU A 469 -13.77 -6.23 5.75
CA LEU A 469 -12.78 -6.45 6.81
C LEU A 469 -12.79 -7.89 7.25
N TRP A 470 -11.74 -8.64 6.92
CA TRP A 470 -11.68 -10.06 7.17
C TRP A 470 -10.84 -10.37 8.41
N ARG A 471 -11.44 -10.97 9.44
CA ARG A 471 -10.67 -11.36 10.63
C ARG A 471 -10.09 -12.77 10.34
N CYS A 472 -9.24 -12.84 9.30
CA CYS A 472 -8.68 -14.09 8.80
C CYS A 472 -7.43 -14.55 9.55
N PHE A 473 -6.87 -13.72 10.44
CA PHE A 473 -5.73 -14.13 11.24
C PHE A 473 -6.05 -14.10 12.76
N GLU A 474 -7.22 -14.64 13.16
CA GLU A 474 -7.61 -14.75 14.59
C GLU A 474 -8.89 -15.57 14.77
N LEU A 475 -9.07 -16.10 15.99
CA LEU A 475 -10.23 -16.86 16.45
C LEU A 475 -10.83 -16.22 17.74
N ASP A 476 -10.01 -15.45 18.50
CA ASP A 476 -10.39 -14.77 19.75
C ASP A 476 -10.81 -15.75 20.86
N ARG B 1 -26.42 6.37 0.80
CA ARG B 1 -25.03 5.90 0.82
C ARG B 1 -24.19 6.82 1.69
N ALA B 2 -23.85 6.37 2.90
CA ALA B 2 -22.99 7.14 3.80
C ALA B 2 -21.58 6.53 3.75
N PRO B 3 -20.54 7.35 3.52
CA PRO B 3 -19.19 6.79 3.44
C PRO B 3 -18.75 6.09 4.73
N SER B 5 -20.03 3.63 6.24
CA SER B 5 -21.11 3.09 7.07
C SER B 5 -21.29 1.59 6.85
N ASP B 6 -21.82 0.89 7.86
CA ASP B 6 -22.15 -0.53 7.80
C ASP B 6 -23.52 -0.69 7.13
#